data_9O46
#
_entry.id   9O46
#
_cell.length_a   84.688
_cell.length_b   87.039
_cell.length_c   103.871
_cell.angle_alpha   90.000
_cell.angle_beta   90.000
_cell.angle_gamma   90.000
#
_symmetry.space_group_name_H-M   'P 21 21 21'
#
loop_
_entity.id
_entity.type
_entity.pdbx_description
1 polymer 'Pregnane X receptor ligand binding domain tethered to steroid receptor coactivator-1 peptide'
2 non-polymer 'methyl 3-{[(1P)-1-(2,5-dimethoxyphenyl)-5-methyl-1H-1,2,3-triazole-4-carbonyl]amino}-4-{[(3S)-hexan-3-yl]oxy}benzoate'
3 water water
#
_entity_poly.entity_id   1
_entity_poly.type   'polypeptide(L)'
_entity_poly.pdbx_seq_one_letter_code
;MKKGHHHHHHGSERTGTQPLGVQGLTEEQRMMIRELMDAQMKTFDTTFSHFKNFRLPGVLSSGCELPESLQAPSREEAAK
WSQVRKDLCSLKVSLQLRGEDGSVWNYKPPADSGGKEIFSLLPHMADMSTYMFKGIISFAKVISYFRDLPIEDQISLLKG
AAFELCQLRFNTVFNAETGTWECGRLSYCLEDTAGGFQQLLLEPMLKFHYMLKKLQLHEEEYVLMQAISLFSPDRPGVLQ
HRVVDQLQEQFAITLKSYIECNRPQPAHRFLFLKIMAMLTELRSINAQHTQRWLRIQDIHPFATPLMQELFGITGSSGGS
GGSSHSSLTERHKILHRLLQEGSPSDITTLSVEPD
;
_entity_poly.pdbx_strand_id   A,B
#
# COMPACT_ATOMS: atom_id res chain seq x y z
N GLY A 24 24.36 -29.49 -36.75
CA GLY A 24 24.59 -28.83 -35.49
C GLY A 24 25.11 -27.40 -35.65
N LEU A 25 25.33 -26.74 -34.53
CA LEU A 25 25.85 -25.37 -34.54
C LEU A 25 27.36 -25.37 -34.64
N THR A 26 27.90 -24.45 -35.45
CA THR A 26 29.35 -24.28 -35.51
C THR A 26 29.88 -23.97 -34.13
N GLU A 27 31.13 -24.36 -33.88
CA GLU A 27 31.74 -24.06 -32.58
C GLU A 27 31.75 -22.56 -32.32
N GLU A 28 31.97 -21.75 -33.37
CA GLU A 28 31.84 -20.30 -33.18
C GLU A 28 30.42 -19.94 -32.75
N GLN A 29 29.42 -20.47 -33.44
CA GLN A 29 28.04 -20.21 -33.05
C GLN A 29 27.78 -20.67 -31.63
N ARG A 30 28.26 -21.87 -31.28
CA ARG A 30 28.11 -22.34 -29.91
C ARG A 30 28.73 -21.35 -28.93
N MET A 31 29.92 -20.84 -29.24
CA MET A 31 30.55 -19.85 -28.36
C MET A 31 29.79 -18.53 -28.39
N MET A 32 29.18 -18.19 -29.52
CA MET A 32 28.37 -16.98 -29.59
C MET A 32 27.23 -17.03 -28.59
N ILE A 33 26.52 -18.16 -28.56
CA ILE A 33 25.45 -18.36 -27.60
C ILE A 33 26.02 -18.41 -26.18
N ARG A 34 27.15 -19.09 -26.00
CA ARG A 34 27.77 -19.19 -24.68
C ARG A 34 28.03 -17.81 -24.09
N GLU A 35 28.62 -16.91 -24.89
CA GLU A 35 28.89 -15.57 -24.40
C GLU A 35 27.60 -14.84 -24.04
N LEU A 36 26.60 -14.90 -24.92
CA LEU A 36 25.34 -14.20 -24.69
C LEU A 36 24.66 -14.72 -23.43
N MET A 37 24.56 -16.05 -23.29
CA MET A 37 23.96 -16.61 -22.08
C MET A 37 24.74 -16.20 -20.84
N ASP A 38 26.08 -16.14 -20.95
CA ASP A 38 26.86 -15.65 -19.83
C ASP A 38 26.48 -14.21 -19.48
N ALA A 39 26.53 -13.32 -20.48
CA ALA A 39 26.10 -11.94 -20.29
C ALA A 39 24.75 -11.87 -19.59
N GLN A 40 23.78 -12.62 -20.11
CA GLN A 40 22.44 -12.66 -19.52
C GLN A 40 22.50 -13.09 -18.05
N MET A 41 23.32 -14.11 -17.75
CA MET A 41 23.38 -14.63 -16.38
C MET A 41 23.97 -13.62 -15.41
N LYS A 42 24.89 -12.78 -15.87
CA LYS A 42 25.56 -11.83 -14.99
C LYS A 42 24.84 -10.49 -14.87
N THR A 43 23.93 -10.20 -15.79
CA THR A 43 23.36 -8.85 -15.87
C THR A 43 21.84 -8.82 -15.85
N PHE A 44 21.17 -9.96 -15.68
CA PHE A 44 19.70 -10.00 -15.58
C PHE A 44 19.32 -10.55 -14.21
N ASP A 45 18.79 -9.69 -13.35
CA ASP A 45 18.32 -10.10 -12.03
C ASP A 45 16.87 -10.55 -12.16
N THR A 46 16.68 -11.85 -12.39
CA THR A 46 15.35 -12.38 -12.68
C THR A 46 14.43 -12.29 -11.48
N THR A 47 14.99 -12.28 -10.27
CA THR A 47 14.20 -12.10 -9.07
C THR A 47 14.05 -10.63 -8.70
N PHE A 48 14.68 -9.73 -9.46
CA PHE A 48 14.61 -8.30 -9.18
C PHE A 48 15.00 -8.01 -7.73
N SER A 49 15.90 -8.84 -7.19
CA SER A 49 16.24 -8.76 -5.78
C SER A 49 17.10 -7.54 -5.46
N HIS A 50 17.70 -6.91 -6.47
CA HIS A 50 18.53 -5.73 -6.26
C HIS A 50 17.85 -4.46 -6.75
N PHE A 51 16.54 -4.53 -6.97
CA PHE A 51 15.73 -3.37 -7.33
C PHE A 51 15.23 -2.74 -6.03
N LYS A 52 16.11 -1.96 -5.41
CA LYS A 52 15.86 -1.40 -4.10
C LYS A 52 15.67 0.11 -4.19
N ASN A 53 14.99 0.65 -3.18
CA ASN A 53 14.81 2.10 -2.98
C ASN A 53 13.97 2.73 -4.07
N PHE A 54 13.14 1.96 -4.76
CA PHE A 54 12.29 2.51 -5.81
C PHE A 54 11.20 3.38 -5.21
N ARG A 55 10.88 4.47 -5.90
CA ARG A 55 9.71 5.25 -5.51
C ARG A 55 8.45 4.44 -5.76
N LEU A 56 7.53 4.48 -4.80
CA LEU A 56 6.23 3.84 -4.92
C LEU A 56 5.15 4.91 -4.95
N PRO A 57 3.97 4.60 -5.49
CA PRO A 57 2.87 5.57 -5.43
C PRO A 57 2.62 5.99 -3.98
N GLY A 58 2.60 7.31 -3.76
CA GLY A 58 2.48 7.82 -2.41
C GLY A 58 1.12 7.52 -1.81
N VAL A 59 1.09 7.65 -0.47
CA VAL A 59 -0.07 7.52 0.43
C VAL A 59 0.44 6.93 1.73
N GLU A 77 -1.17 23.72 -25.21
CA GLU A 77 -0.64 22.82 -24.20
C GLU A 77 -1.75 21.92 -23.65
N ALA A 78 -3.00 22.35 -23.84
CA ALA A 78 -4.13 21.50 -23.50
C ALA A 78 -4.11 20.20 -24.31
N ALA A 79 -3.61 20.27 -25.55
CA ALA A 79 -3.53 19.08 -26.40
C ALA A 79 -2.62 18.02 -25.78
N LYS A 80 -1.42 18.44 -25.37
CA LYS A 80 -0.46 17.49 -24.79
C LYS A 80 -1.04 16.75 -23.59
N TRP A 81 -1.85 17.44 -22.79
CA TRP A 81 -2.38 16.84 -21.56
C TRP A 81 -3.40 15.76 -21.86
N SER A 82 -4.21 15.93 -22.91
CA SER A 82 -5.19 14.92 -23.26
C SER A 82 -4.57 13.75 -24.02
N GLN A 83 -3.60 14.04 -24.90
CA GLN A 83 -2.86 12.97 -25.55
C GLN A 83 -2.17 12.09 -24.51
N VAL A 84 -1.57 12.72 -23.49
CA VAL A 84 -0.90 11.99 -22.43
C VAL A 84 -1.88 11.12 -21.64
N ARG A 85 -3.07 11.66 -21.36
CA ARG A 85 -4.08 10.86 -20.66
C ARG A 85 -4.51 9.66 -21.51
N LYS A 86 -4.55 9.82 -22.83
CA LYS A 86 -4.82 8.68 -23.71
C LYS A 86 -3.70 7.65 -23.62
N ASP A 87 -2.45 8.12 -23.57
CA ASP A 87 -1.31 7.21 -23.51
C ASP A 87 -1.33 6.38 -22.24
N LEU A 88 -1.66 6.99 -21.11
CA LEU A 88 -1.53 6.35 -19.80
C LEU A 88 -2.71 5.47 -19.42
N CYS A 89 -3.80 5.49 -20.18
CA CYS A 89 -4.97 4.67 -19.87
C CYS A 89 -4.93 3.31 -20.54
N SER A 90 -3.96 3.06 -21.41
CA SER A 90 -3.87 1.80 -22.13
C SER A 90 -3.19 0.72 -21.31
N LEU A 91 -2.15 1.08 -20.55
CA LEU A 91 -1.37 0.12 -19.79
C LEU A 91 -1.52 0.36 -18.29
N LYS A 92 -2.74 0.21 -17.75
CA LYS A 92 -2.97 0.32 -16.32
C LYS A 92 -2.74 -1.05 -15.65
N VAL A 93 -2.01 -1.04 -14.54
CA VAL A 93 -1.65 -2.26 -13.82
C VAL A 93 -1.69 -1.99 -12.33
N SER A 94 -1.73 -3.07 -11.54
CA SER A 94 -1.78 -3.00 -10.09
C SER A 94 -0.49 -3.57 -9.52
N LEU A 95 0.27 -2.72 -8.83
CA LEU A 95 1.48 -3.18 -8.16
C LEU A 95 1.12 -4.02 -6.95
N GLN A 96 1.85 -5.11 -6.76
CA GLN A 96 1.73 -5.94 -5.57
C GLN A 96 3.14 -6.13 -5.02
N LEU A 97 3.33 -5.82 -3.73
CA LEU A 97 4.60 -6.03 -3.06
C LEU A 97 4.39 -7.12 -2.01
N ARG A 98 5.22 -8.14 -2.04
CA ARG A 98 5.11 -9.26 -1.11
C ARG A 98 6.32 -9.25 -0.18
N GLY A 99 6.05 -9.27 1.12
CA GLY A 99 7.12 -9.16 2.10
C GLY A 99 7.72 -10.50 2.45
N GLU A 100 8.91 -10.45 3.04
CA GLU A 100 9.49 -11.65 3.62
C GLU A 100 8.58 -12.20 4.71
N ASP A 101 7.89 -11.32 5.44
CA ASP A 101 6.93 -11.75 6.43
C ASP A 101 5.77 -12.54 5.83
N GLY A 102 5.49 -12.37 4.55
CA GLY A 102 4.32 -12.94 3.94
C GLY A 102 3.17 -11.96 3.81
N SER A 103 3.38 -10.72 4.24
CA SER A 103 2.43 -9.66 3.98
C SER A 103 2.42 -9.32 2.50
N VAL A 104 1.28 -8.82 2.04
CA VAL A 104 1.10 -8.39 0.66
C VAL A 104 0.55 -6.97 0.69
N TRP A 105 1.26 -6.03 0.05
CA TRP A 105 0.74 -4.69 -0.18
C TRP A 105 0.31 -4.59 -1.63
N ASN A 106 -0.94 -4.16 -1.87
CA ASN A 106 -1.45 -4.08 -3.23
C ASN A 106 -1.89 -2.66 -3.53
N TYR A 107 -1.38 -2.10 -4.64
CA TYR A 107 -1.75 -0.76 -5.11
C TYR A 107 -2.71 -0.91 -6.28
N LYS A 108 -3.96 -0.62 -6.04
CA LYS A 108 -4.91 -0.51 -7.14
C LYS A 108 -4.76 0.88 -7.77
N PRO A 109 -4.68 0.98 -9.09
CA PRO A 109 -4.42 2.28 -9.71
C PRO A 109 -5.59 3.19 -9.57
N PRO A 110 -5.38 4.51 -9.59
CA PRO A 110 -6.46 5.48 -9.38
C PRO A 110 -7.24 5.69 -10.66
N ALA A 111 -8.55 5.49 -10.61
CA ALA A 111 -9.40 5.69 -11.79
C ALA A 111 -9.10 7.02 -12.45
N ASP A 112 -9.02 7.01 -13.78
CA ASP A 112 -8.61 8.19 -14.54
C ASP A 112 -9.42 9.40 -14.11
N SER A 113 -8.71 10.47 -13.72
CA SER A 113 -9.32 11.76 -13.50
C SER A 113 -8.62 12.83 -14.34
N GLY A 114 -7.74 12.40 -15.24
CA GLY A 114 -7.04 13.28 -16.14
C GLY A 114 -6.21 14.34 -15.47
N GLY A 115 -5.86 14.15 -14.20
CA GLY A 115 -5.10 15.14 -13.45
C GLY A 115 -3.75 14.62 -12.99
N LYS A 116 -3.30 15.08 -11.81
CA LYS A 116 -2.07 14.56 -11.24
C LYS A 116 -2.16 13.07 -10.95
N GLU A 117 -3.39 12.55 -10.82
CA GLU A 117 -3.62 11.15 -10.53
C GLU A 117 -3.04 10.24 -11.61
N ILE A 118 -3.19 10.63 -12.88
CA ILE A 118 -2.79 9.77 -13.99
C ILE A 118 -1.30 9.46 -13.95
N PHE A 119 -0.49 10.31 -13.31
CA PHE A 119 0.95 10.16 -13.24
C PHE A 119 1.41 9.57 -11.92
N SER A 120 0.59 8.71 -11.30
CA SER A 120 0.89 8.19 -9.98
C SER A 120 1.97 7.12 -10.04
N LEU A 121 1.95 6.30 -11.09
CA LEU A 121 2.88 5.20 -11.25
C LEU A 121 4.13 5.56 -12.04
N LEU A 122 4.11 6.69 -12.74
CA LEU A 122 5.29 7.07 -13.53
C LEU A 122 6.56 7.19 -12.69
N PRO A 123 6.57 7.87 -11.54
CA PRO A 123 7.81 7.93 -10.75
C PRO A 123 8.38 6.57 -10.41
N HIS A 124 7.53 5.55 -10.31
CA HIS A 124 8.00 4.20 -10.02
C HIS A 124 8.55 3.52 -11.27
N MET A 125 7.74 3.48 -12.34
CA MET A 125 8.20 2.91 -13.59
C MET A 125 9.45 3.61 -14.13
N ALA A 126 9.67 4.87 -13.72
CA ALA A 126 10.92 5.52 -14.11
C ALA A 126 12.11 4.89 -13.40
N ASP A 127 11.92 4.47 -12.15
CA ASP A 127 12.98 3.78 -11.42
C ASP A 127 13.16 2.35 -11.91
N MET A 128 12.07 1.68 -12.27
CA MET A 128 12.17 0.35 -12.86
C MET A 128 12.93 0.39 -14.18
N SER A 129 12.59 1.35 -15.04
CA SER A 129 13.26 1.51 -16.33
C SER A 129 14.77 1.70 -16.16
N THR A 130 15.14 2.63 -15.27
CA THR A 130 16.55 2.89 -15.02
C THR A 130 17.26 1.64 -14.53
N TYR A 131 16.66 0.95 -13.54
CA TYR A 131 17.24 -0.31 -13.06
C TYR A 131 17.38 -1.30 -14.19
N MET A 132 16.38 -1.37 -15.06
CA MET A 132 16.45 -2.29 -16.19
C MET A 132 17.49 -1.83 -17.21
N PHE A 133 17.51 -0.54 -17.52
CA PHE A 133 18.47 -0.03 -18.50
C PHE A 133 19.90 -0.27 -18.02
N LYS A 134 20.15 -0.11 -16.73
CA LYS A 134 21.49 -0.34 -16.21
C LYS A 134 21.91 -1.79 -16.37
N GLY A 135 20.98 -2.73 -16.16
CA GLY A 135 21.27 -4.12 -16.43
C GLY A 135 21.40 -4.44 -17.90
N ILE A 136 20.81 -3.61 -18.77
CA ILE A 136 20.96 -3.81 -20.20
C ILE A 136 22.28 -3.22 -20.69
N ILE A 137 22.65 -2.05 -20.17
CA ILE A 137 23.99 -1.52 -20.42
C ILE A 137 25.04 -2.55 -20.04
N SER A 138 24.85 -3.19 -18.88
CA SER A 138 25.82 -4.16 -18.40
C SER A 138 25.89 -5.40 -19.30
N PHE A 139 24.74 -5.84 -19.81
CA PHE A 139 24.67 -6.97 -20.74
C PHE A 139 25.55 -6.71 -21.95
N ALA A 140 25.43 -5.51 -22.52
CA ALA A 140 26.15 -5.18 -23.73
C ALA A 140 27.65 -5.22 -23.51
N LYS A 141 28.10 -4.73 -22.36
CA LYS A 141 29.54 -4.67 -22.10
C LYS A 141 30.16 -6.06 -22.02
N VAL A 142 29.48 -7.01 -21.38
CA VAL A 142 30.00 -8.38 -21.26
C VAL A 142 30.23 -9.00 -22.64
N ILE A 143 29.53 -8.52 -23.66
CA ILE A 143 29.64 -9.05 -25.00
C ILE A 143 30.86 -8.43 -25.68
N SER A 144 31.80 -9.28 -26.10
CA SER A 144 33.02 -8.79 -26.72
C SER A 144 32.71 -8.01 -28.00
N TYR A 145 31.74 -8.48 -28.78
CA TYR A 145 31.40 -7.80 -30.03
C TYR A 145 30.96 -6.36 -29.81
N PHE A 146 30.41 -6.05 -28.65
CA PHE A 146 29.91 -4.71 -28.39
C PHE A 146 31.01 -3.80 -27.85
N ARG A 147 31.86 -4.33 -26.97
CA ARG A 147 32.97 -3.57 -26.42
C ARG A 147 33.94 -3.12 -27.49
N ASP A 148 34.11 -3.91 -28.55
CA ASP A 148 35.03 -3.55 -29.61
C ASP A 148 34.53 -2.37 -30.42
N LEU A 149 33.21 -2.19 -30.53
CA LEU A 149 32.66 -1.10 -31.32
C LEU A 149 33.12 0.25 -30.77
N PRO A 150 33.05 1.30 -31.59
CA PRO A 150 33.39 2.64 -31.08
C PRO A 150 32.42 3.08 -30.00
N ILE A 151 32.96 3.76 -28.99
CA ILE A 151 32.16 4.17 -27.83
C ILE A 151 30.98 5.05 -28.22
N GLU A 152 31.04 5.70 -29.38
CA GLU A 152 29.88 6.48 -29.82
C GLU A 152 28.81 5.58 -30.43
N ASP A 153 29.20 4.52 -31.14
CA ASP A 153 28.21 3.58 -31.66
C ASP A 153 27.63 2.72 -30.55
N GLN A 154 28.39 2.49 -29.49
CA GLN A 154 27.83 1.81 -28.33
C GLN A 154 26.68 2.62 -27.74
N ILE A 155 26.85 3.95 -27.65
CA ILE A 155 25.81 4.80 -27.12
C ILE A 155 24.59 4.79 -28.04
N SER A 156 24.81 4.78 -29.34
CA SER A 156 23.68 4.83 -30.27
C SER A 156 22.92 3.51 -30.30
N LEU A 157 23.64 2.39 -30.31
CA LEU A 157 22.96 1.09 -30.30
C LEU A 157 22.14 0.93 -29.05
N LEU A 158 22.72 1.27 -27.90
CA LEU A 158 22.00 1.18 -26.63
C LEU A 158 20.82 2.13 -26.60
N LYS A 159 20.98 3.33 -27.18
CA LYS A 159 19.87 4.29 -27.16
C LYS A 159 18.64 3.73 -27.88
N GLY A 160 18.86 3.01 -28.97
CA GLY A 160 17.74 2.50 -29.74
C GLY A 160 17.32 1.10 -29.37
N ALA A 161 18.17 0.38 -28.65
CA ALA A 161 17.86 -0.99 -28.25
C ALA A 161 17.40 -1.13 -26.80
N ALA A 162 17.51 -0.07 -25.99
CA ALA A 162 17.24 -0.20 -24.56
C ALA A 162 15.79 -0.60 -24.29
N PHE A 163 14.84 0.06 -24.94
CA PHE A 163 13.43 -0.30 -24.75
C PHE A 163 13.18 -1.73 -25.20
N GLU A 164 13.66 -2.06 -26.39
CA GLU A 164 13.40 -3.39 -26.94
C GLU A 164 13.96 -4.47 -26.03
N LEU A 165 15.22 -4.32 -25.59
CA LEU A 165 15.85 -5.29 -24.71
C LEU A 165 15.17 -5.35 -23.36
N CYS A 166 14.64 -4.23 -22.88
CA CYS A 166 13.89 -4.22 -21.63
C CYS A 166 12.62 -5.04 -21.76
N GLN A 167 11.86 -4.81 -22.85
CA GLN A 167 10.62 -5.55 -23.05
C GLN A 167 10.87 -7.03 -23.30
N LEU A 168 12.00 -7.36 -23.95
CA LEU A 168 12.32 -8.77 -24.16
C LEU A 168 12.59 -9.46 -22.83
N ARG A 169 13.24 -8.76 -21.90
CA ARG A 169 13.48 -9.34 -20.59
C ARG A 169 12.18 -9.44 -19.81
N PHE A 170 11.36 -8.40 -19.82
CA PHE A 170 10.07 -8.43 -19.13
C PHE A 170 9.21 -9.58 -19.59
N ASN A 171 9.35 -10.02 -20.84
CA ASN A 171 8.52 -11.13 -21.30
C ASN A 171 8.89 -12.41 -20.59
N THR A 172 10.17 -12.58 -20.23
CA THR A 172 10.58 -13.81 -19.56
C THR A 172 9.98 -13.93 -18.17
N VAL A 173 9.49 -12.82 -17.61
CA VAL A 173 8.79 -12.84 -16.33
C VAL A 173 7.29 -12.71 -16.49
N PHE A 174 6.79 -12.59 -17.72
CA PHE A 174 5.37 -12.39 -17.97
C PHE A 174 4.59 -13.70 -17.81
N ASN A 175 3.46 -13.62 -17.12
CA ASN A 175 2.56 -14.75 -16.93
C ASN A 175 1.30 -14.44 -17.71
N ALA A 176 1.16 -15.05 -18.89
CA ALA A 176 0.03 -14.74 -19.75
C ALA A 176 -1.30 -15.14 -19.12
N GLU A 177 -1.29 -16.22 -18.32
CA GLU A 177 -2.51 -16.67 -17.65
C GLU A 177 -3.03 -15.59 -16.71
N THR A 178 -2.19 -15.13 -15.79
CA THR A 178 -2.57 -14.12 -14.82
C THR A 178 -2.40 -12.70 -15.34
N GLY A 179 -1.93 -12.52 -16.56
CA GLY A 179 -1.67 -11.19 -17.08
C GLY A 179 -0.78 -10.34 -16.18
N THR A 180 0.26 -10.95 -15.63
CA THR A 180 1.08 -10.32 -14.60
C THR A 180 2.55 -10.48 -14.92
N TRP A 181 3.31 -9.38 -14.82
CA TRP A 181 4.77 -9.43 -14.88
C TRP A 181 5.28 -9.73 -13.48
N GLU A 182 5.75 -10.95 -13.26
CA GLU A 182 6.21 -11.42 -11.95
C GLU A 182 7.68 -11.06 -11.78
N CYS A 183 7.91 -9.88 -11.18
CA CYS A 183 9.25 -9.35 -10.97
C CYS A 183 9.72 -9.69 -9.55
N GLY A 184 9.99 -10.96 -9.34
CA GLY A 184 10.35 -11.40 -8.00
C GLY A 184 9.28 -11.10 -6.98
N ARG A 185 9.57 -10.18 -6.05
CA ARG A 185 8.60 -9.81 -5.02
C ARG A 185 7.60 -8.77 -5.50
N LEU A 186 7.90 -8.07 -6.58
CA LEU A 186 6.95 -7.15 -7.18
C LEU A 186 6.19 -7.85 -8.29
N SER A 187 4.88 -7.64 -8.32
CA SER A 187 4.02 -8.17 -9.35
C SER A 187 3.20 -7.02 -9.92
N TYR A 188 3.16 -6.92 -11.25
CA TYR A 188 2.40 -5.90 -11.96
C TYR A 188 1.32 -6.61 -12.77
N CYS A 189 0.05 -6.46 -12.38
CA CYS A 189 -1.05 -7.19 -13.01
C CYS A 189 -1.90 -6.27 -13.89
N LEU A 190 -1.92 -6.55 -15.20
CA LEU A 190 -2.75 -5.77 -16.10
C LEU A 190 -4.19 -5.77 -15.58
N GLU A 191 -4.71 -4.58 -15.25
CA GLU A 191 -6.04 -4.43 -14.66
C GLU A 191 -7.11 -4.68 -15.71
N ASP A 192 -8.15 -5.46 -15.35
CA ASP A 192 -9.26 -5.71 -16.27
C ASP A 192 -9.82 -4.38 -16.75
N THR A 193 -9.89 -4.20 -18.06
CA THR A 193 -10.28 -2.95 -18.67
C THR A 193 -11.69 -3.00 -19.26
N ALA A 194 -12.47 -4.02 -18.89
CA ALA A 194 -13.87 -4.17 -19.26
C ALA A 194 -14.05 -4.79 -20.64
N GLY A 195 -12.99 -4.92 -21.44
CA GLY A 195 -13.01 -5.51 -22.77
C GLY A 195 -12.31 -6.86 -22.80
N GLY A 196 -11.84 -7.32 -21.64
CA GLY A 196 -11.14 -8.59 -21.55
C GLY A 196 -9.84 -8.53 -22.33
N PHE A 197 -9.42 -9.71 -22.82
CA PHE A 197 -8.22 -9.78 -23.67
C PHE A 197 -8.37 -8.97 -24.94
N GLN A 198 -9.62 -8.69 -25.36
CA GLN A 198 -9.87 -7.92 -26.57
C GLN A 198 -9.20 -6.55 -26.53
N GLN A 199 -9.44 -5.78 -25.47
CA GLN A 199 -8.89 -4.43 -25.37
C GLN A 199 -7.38 -4.47 -25.22
N LEU A 200 -6.88 -5.44 -24.47
CA LEU A 200 -5.44 -5.55 -24.22
C LEU A 200 -4.69 -5.91 -25.50
N LEU A 201 -5.15 -6.95 -26.20
CA LEU A 201 -4.51 -7.35 -27.46
C LEU A 201 -4.57 -6.23 -28.48
N LEU A 202 -5.51 -5.30 -28.33
CA LEU A 202 -5.50 -4.08 -29.15
C LEU A 202 -4.19 -3.32 -28.96
N GLU A 203 -3.83 -3.01 -27.70
CA GLU A 203 -2.61 -2.29 -27.36
C GLU A 203 -1.40 -3.04 -27.91
N PRO A 204 -0.71 -2.48 -28.91
CA PRO A 204 0.33 -3.28 -29.60
C PRO A 204 1.38 -3.86 -28.68
N MET A 205 1.65 -3.23 -27.54
CA MET A 205 2.70 -3.76 -26.67
C MET A 205 2.21 -4.96 -25.85
N LEU A 206 0.98 -4.91 -25.35
CA LEU A 206 0.44 -6.07 -24.65
C LEU A 206 0.26 -7.23 -25.62
N LYS A 207 -0.19 -6.96 -26.84
CA LYS A 207 -0.21 -8.00 -27.86
C LYS A 207 1.17 -8.62 -28.00
N PHE A 208 2.20 -7.76 -28.07
CA PHE A 208 3.56 -8.25 -28.22
C PHE A 208 3.93 -9.27 -27.15
N HIS A 209 3.68 -8.92 -25.88
CA HIS A 209 4.05 -9.82 -24.79
C HIS A 209 3.26 -11.12 -24.84
N TYR A 210 1.97 -11.04 -25.15
CA TYR A 210 1.19 -12.27 -25.28
C TYR A 210 1.68 -13.11 -26.45
N MET A 211 1.85 -12.47 -27.61
CA MET A 211 2.29 -13.22 -28.79
C MET A 211 3.66 -13.85 -28.56
N LEU A 212 4.60 -13.08 -28.03
CA LEU A 212 5.95 -13.62 -27.80
C LEU A 212 5.93 -14.75 -26.79
N LYS A 213 5.10 -14.63 -25.75
CA LYS A 213 5.06 -15.69 -24.73
C LYS A 213 4.49 -16.98 -25.32
N LYS A 214 3.61 -16.87 -26.31
CA LYS A 214 3.06 -18.05 -26.96
C LYS A 214 4.10 -18.82 -27.74
N LEU A 215 5.19 -18.15 -28.15
CA LEU A 215 6.25 -18.81 -28.90
C LEU A 215 7.10 -19.73 -28.03
N GLN A 216 6.93 -19.70 -26.71
CA GLN A 216 7.65 -20.56 -25.77
C GLN A 216 9.13 -20.63 -26.10
N LEU A 217 9.75 -19.46 -26.20
CA LEU A 217 11.14 -19.39 -26.60
C LEU A 217 12.05 -19.85 -25.47
N HIS A 218 13.21 -20.37 -25.85
CA HIS A 218 14.21 -20.81 -24.91
C HIS A 218 15.00 -19.61 -24.39
N GLU A 219 15.73 -19.83 -23.30
CA GLU A 219 16.57 -18.75 -22.78
C GLU A 219 17.63 -18.37 -23.79
N GLU A 220 18.13 -19.35 -24.54
CA GLU A 220 19.11 -19.08 -25.57
C GLU A 220 18.50 -18.30 -26.72
N GLU A 221 17.22 -18.53 -27.02
CA GLU A 221 16.56 -17.81 -28.10
C GLU A 221 16.17 -16.40 -27.68
N TYR A 222 15.88 -16.20 -26.40
CA TYR A 222 15.61 -14.86 -25.89
C TYR A 222 16.88 -13.99 -25.96
N VAL A 223 18.02 -14.54 -25.54
CA VAL A 223 19.23 -13.73 -25.51
C VAL A 223 19.70 -13.43 -26.93
N LEU A 224 19.48 -14.36 -27.87
CA LEU A 224 19.83 -14.10 -29.26
C LEU A 224 18.95 -13.01 -29.86
N MET A 225 17.68 -12.95 -29.46
CA MET A 225 16.85 -11.83 -29.88
C MET A 225 17.45 -10.51 -29.41
N GLN A 226 17.90 -10.47 -28.14
CA GLN A 226 18.48 -9.25 -27.59
C GLN A 226 19.70 -8.81 -28.39
N ALA A 227 20.56 -9.74 -28.78
CA ALA A 227 21.72 -9.40 -29.60
C ALA A 227 21.29 -8.87 -30.95
N ILE A 228 20.39 -9.58 -31.63
CA ILE A 228 19.89 -9.15 -32.93
C ILE A 228 19.26 -7.77 -32.81
N SER A 229 18.61 -7.49 -31.68
CA SER A 229 18.03 -6.16 -31.48
C SER A 229 19.11 -5.15 -31.13
N LEU A 230 20.05 -5.51 -30.26
CA LEU A 230 21.09 -4.58 -29.84
C LEU A 230 21.92 -4.14 -31.03
N PHE A 231 22.52 -5.11 -31.71
CA PHE A 231 23.37 -4.86 -32.88
C PHE A 231 22.48 -4.62 -34.11
N SER A 232 21.85 -3.45 -34.15
CA SER A 232 21.02 -3.11 -35.29
C SER A 232 21.64 -1.94 -36.04
N PRO A 233 22.02 -2.13 -37.30
CA PRO A 233 22.81 -1.10 -38.00
C PRO A 233 22.00 0.12 -38.39
N ASP A 234 20.68 0.02 -38.46
CA ASP A 234 19.84 1.11 -38.93
C ASP A 234 19.43 2.06 -37.81
N ARG A 235 19.99 1.91 -36.62
CA ARG A 235 19.62 2.75 -35.50
C ARG A 235 20.25 4.14 -35.63
N PRO A 236 19.58 5.16 -35.09
CA PRO A 236 20.08 6.53 -35.25
C PRO A 236 21.43 6.73 -34.59
N GLY A 237 22.38 7.27 -35.35
CA GLY A 237 23.68 7.63 -34.85
C GLY A 237 24.78 6.61 -35.14
N VAL A 238 24.43 5.43 -35.66
CA VAL A 238 25.45 4.44 -35.95
C VAL A 238 26.32 4.92 -37.10
N LEU A 239 27.59 4.55 -37.04
CA LEU A 239 28.56 4.88 -38.07
C LEU A 239 29.22 3.64 -38.67
N GLN A 240 29.38 2.58 -37.88
CA GLN A 240 29.91 1.30 -38.35
C GLN A 240 28.81 0.38 -38.85
N HIS A 241 27.99 0.90 -39.77
CA HIS A 241 26.78 0.18 -40.19
C HIS A 241 27.10 -1.22 -40.68
N ARG A 242 28.15 -1.35 -41.51
CA ARG A 242 28.49 -2.65 -42.07
C ARG A 242 29.00 -3.59 -40.98
N VAL A 243 29.74 -3.06 -40.01
CA VAL A 243 30.24 -3.88 -38.92
C VAL A 243 29.10 -4.41 -38.08
N VAL A 244 28.12 -3.55 -37.77
CA VAL A 244 26.99 -3.95 -36.95
C VAL A 244 26.05 -4.86 -37.72
N ASP A 245 25.76 -4.51 -38.98
CA ASP A 245 24.90 -5.34 -39.84
C ASP A 245 25.48 -6.74 -39.99
N GLN A 246 26.78 -6.82 -40.25
CA GLN A 246 27.44 -8.12 -40.33
C GLN A 246 27.33 -8.86 -39.01
N LEU A 247 27.50 -8.15 -37.90
CA LEU A 247 27.36 -8.75 -36.58
C LEU A 247 25.94 -9.25 -36.35
N GLN A 248 24.94 -8.42 -36.67
CA GLN A 248 23.54 -8.81 -36.52
C GLN A 248 23.18 -9.99 -37.42
N GLU A 249 23.82 -10.06 -38.58
CA GLU A 249 23.56 -11.19 -39.46
C GLU A 249 24.13 -12.47 -38.89
N GLN A 250 25.24 -12.36 -38.15
CA GLN A 250 25.83 -13.55 -37.56
C GLN A 250 25.03 -14.02 -36.36
N PHE A 251 24.50 -13.08 -35.57
CA PHE A 251 23.60 -13.44 -34.48
C PHE A 251 22.32 -14.06 -35.00
N ALA A 252 21.77 -13.51 -36.09
CA ALA A 252 20.52 -14.05 -36.63
C ALA A 252 20.72 -15.43 -37.22
N ILE A 253 21.83 -15.63 -37.95
CA ILE A 253 22.11 -16.96 -38.49
C ILE A 253 22.31 -17.97 -37.37
N THR A 254 22.90 -17.53 -36.25
CA THR A 254 23.00 -18.42 -35.09
C THR A 254 21.62 -18.81 -34.58
N LEU A 255 20.69 -17.84 -34.53
CA LEU A 255 19.33 -18.12 -34.06
C LEU A 255 18.61 -19.04 -35.04
N LYS A 256 18.70 -18.75 -36.33
CA LYS A 256 18.12 -19.63 -37.35
C LYS A 256 18.69 -21.04 -37.23
N SER A 257 20.00 -21.15 -37.03
CA SER A 257 20.62 -22.45 -36.93
C SER A 257 20.28 -23.14 -35.62
N TYR A 258 20.18 -22.37 -34.53
CA TYR A 258 19.79 -22.95 -33.25
C TYR A 258 18.42 -23.64 -33.34
N ILE A 259 17.46 -23.00 -34.02
CA ILE A 259 16.12 -23.56 -34.09
C ILE A 259 16.10 -24.86 -34.88
N GLU A 260 16.77 -24.88 -36.05
CA GLU A 260 16.80 -26.08 -36.88
C GLU A 260 17.38 -27.26 -36.10
N CYS A 261 18.46 -27.01 -35.37
CA CYS A 261 19.19 -28.05 -34.64
C CYS A 261 18.46 -28.50 -33.38
N ASN A 262 17.96 -27.55 -32.58
CA ASN A 262 17.43 -27.88 -31.26
C ASN A 262 15.90 -27.83 -31.16
N ARG A 263 15.18 -27.95 -32.27
CA ARG A 263 13.72 -27.98 -32.23
C ARG A 263 13.21 -28.91 -33.31
N PRO A 264 12.09 -29.63 -33.04
CA PRO A 264 11.48 -30.46 -34.08
C PRO A 264 11.32 -29.65 -35.36
N GLN A 265 12.17 -29.94 -36.36
CA GLN A 265 12.26 -29.09 -37.54
C GLN A 265 10.93 -28.84 -38.23
N PRO A 266 10.08 -29.84 -38.49
CA PRO A 266 8.85 -29.59 -39.27
C PRO A 266 7.89 -28.65 -38.56
N ALA A 267 7.74 -28.82 -37.25
CA ALA A 267 6.73 -28.04 -36.51
C ALA A 267 7.14 -26.58 -36.39
N HIS A 268 8.42 -26.33 -36.10
CA HIS A 268 8.97 -24.99 -35.93
C HIS A 268 9.69 -24.54 -37.19
N ARG A 269 9.07 -24.83 -38.34
CA ARG A 269 9.69 -24.52 -39.62
C ARG A 269 9.87 -23.02 -39.80
N PHE A 270 8.91 -22.23 -39.35
CA PHE A 270 8.93 -20.78 -39.53
C PHE A 270 9.15 -20.03 -38.22
N LEU A 271 9.63 -20.71 -37.17
CA LEU A 271 9.77 -20.04 -35.88
C LEU A 271 10.77 -18.89 -35.96
N PHE A 272 11.88 -19.10 -36.68
CA PHE A 272 12.86 -18.03 -36.80
C PHE A 272 12.24 -16.78 -37.42
N LEU A 273 11.40 -16.95 -38.44
CA LEU A 273 10.75 -15.79 -39.05
C LEU A 273 9.74 -15.17 -38.11
N LYS A 274 8.96 -16.00 -37.39
CA LYS A 274 8.07 -15.48 -36.38
C LYS A 274 8.82 -14.55 -35.43
N ILE A 275 10.01 -14.97 -35.00
CA ILE A 275 10.81 -14.17 -34.09
C ILE A 275 11.22 -12.85 -34.76
N MET A 276 11.70 -12.95 -35.99
CA MET A 276 12.17 -11.75 -36.71
C MET A 276 11.03 -10.75 -36.88
N ALA A 277 9.83 -11.24 -37.19
CA ALA A 277 8.69 -10.34 -37.30
C ALA A 277 8.38 -9.64 -35.99
N MET A 278 8.60 -10.31 -34.86
CA MET A 278 8.30 -9.69 -33.58
C MET A 278 9.33 -8.64 -33.22
N LEU A 279 10.61 -8.91 -33.48
CA LEU A 279 11.63 -7.88 -33.34
C LEU A 279 11.29 -6.67 -34.18
N THR A 280 10.74 -6.88 -35.38
CA THR A 280 10.32 -5.76 -36.21
C THR A 280 9.13 -5.04 -35.60
N GLU A 281 8.10 -5.79 -35.20
CA GLU A 281 6.98 -5.21 -34.49
C GLU A 281 7.44 -4.46 -33.25
N LEU A 282 8.50 -4.95 -32.60
CA LEU A 282 9.01 -4.28 -31.42
C LEU A 282 9.72 -2.99 -31.77
N ARG A 283 10.34 -2.91 -32.95
CA ARG A 283 10.96 -1.65 -33.35
C ARG A 283 9.90 -0.60 -33.63
N SER A 284 8.75 -1.01 -34.16
CA SER A 284 7.62 -0.10 -34.32
C SER A 284 7.05 0.28 -32.96
N ILE A 285 6.87 -0.70 -32.07
CA ILE A 285 6.36 -0.40 -30.73
C ILE A 285 7.34 0.50 -29.97
N ASN A 286 8.63 0.28 -30.17
CA ASN A 286 9.63 1.14 -29.54
C ASN A 286 9.36 2.61 -29.86
N ALA A 287 9.09 2.90 -31.13
CA ALA A 287 8.89 4.29 -31.54
C ALA A 287 7.64 4.89 -30.91
N GLN A 288 6.53 4.16 -30.93
CA GLN A 288 5.29 4.66 -30.34
C GLN A 288 5.50 5.07 -28.89
N HIS A 289 6.09 4.17 -28.09
CA HIS A 289 6.29 4.47 -26.69
C HIS A 289 7.45 5.42 -26.45
N THR A 290 8.38 5.53 -27.38
CA THR A 290 9.36 6.61 -27.28
C THR A 290 8.69 7.97 -27.42
N GLN A 291 7.61 8.04 -28.22
CA GLN A 291 6.89 9.30 -28.34
C GLN A 291 5.97 9.53 -27.15
N ARG A 292 5.31 8.49 -26.65
CA ARG A 292 4.51 8.62 -25.43
C ARG A 292 5.35 9.17 -24.29
N TRP A 293 6.59 8.70 -24.17
CA TRP A 293 7.46 9.12 -23.07
C TRP A 293 7.86 10.58 -23.20
N LEU A 294 8.14 11.02 -24.43
CA LEU A 294 8.50 12.43 -24.63
C LEU A 294 7.31 13.34 -24.40
N ARG A 295 6.12 12.91 -24.81
CA ARG A 295 4.91 13.69 -24.55
C ARG A 295 4.61 13.74 -23.06
N ILE A 296 4.70 12.59 -22.38
CA ILE A 296 4.47 12.55 -20.94
C ILE A 296 5.53 13.33 -20.16
N GLN A 297 6.72 13.51 -20.75
CA GLN A 297 7.80 14.19 -20.04
C GLN A 297 7.68 15.71 -20.12
N ASP A 298 7.20 16.21 -21.27
CA ASP A 298 7.03 17.64 -21.43
C ASP A 298 5.88 18.18 -20.56
N ILE A 299 4.86 17.36 -20.33
CA ILE A 299 3.75 17.77 -19.47
C ILE A 299 4.14 17.70 -18.00
N HIS A 300 4.93 16.70 -17.61
CA HIS A 300 5.35 16.45 -16.24
C HIS A 300 6.64 15.65 -16.27
N PRO A 301 7.75 16.20 -15.75
CA PRO A 301 9.03 15.49 -15.82
C PRO A 301 9.15 14.44 -14.74
N PHE A 302 9.04 13.17 -15.15
CA PHE A 302 9.22 12.02 -14.27
C PHE A 302 10.57 11.34 -14.45
N ALA A 303 11.30 11.72 -15.49
CA ALA A 303 12.47 10.99 -15.90
C ALA A 303 13.59 11.09 -14.87
N THR A 304 14.25 9.97 -14.62
CA THR A 304 15.51 9.97 -13.92
C THR A 304 16.58 10.53 -14.84
N PRO A 305 17.75 10.90 -14.29
CA PRO A 305 18.77 11.52 -15.16
C PRO A 305 19.25 10.64 -16.29
N LEU A 306 19.39 9.33 -16.07
CA LEU A 306 19.83 8.43 -17.14
C LEU A 306 18.77 8.28 -18.22
N MET A 307 17.51 8.25 -17.82
CA MET A 307 16.43 8.19 -18.79
C MET A 307 16.41 9.43 -19.66
N GLN A 308 16.67 10.60 -19.06
CA GLN A 308 16.67 11.84 -19.83
C GLN A 308 17.74 11.81 -20.92
N GLU A 309 18.92 11.26 -20.62
CA GLU A 309 19.93 11.08 -21.65
C GLU A 309 19.40 10.19 -22.76
N LEU A 310 18.76 9.09 -22.40
CA LEU A 310 18.31 8.12 -23.38
C LEU A 310 17.37 8.73 -24.40
N PHE A 311 16.66 9.79 -24.00
CA PHE A 311 15.62 10.37 -24.82
C PHE A 311 16.04 11.71 -25.41
N GLY A 312 17.33 11.98 -25.48
CA GLY A 312 17.82 13.23 -26.00
C GLY A 312 17.24 14.43 -25.28
N ILE A 313 17.50 14.52 -23.98
CA ILE A 313 17.08 15.66 -23.18
C ILE A 313 18.14 15.99 -22.14
N SER A 327 28.54 17.29 -29.10
CA SER A 327 29.07 15.94 -29.27
C SER A 327 28.08 14.90 -28.76
N LEU A 328 28.22 13.65 -29.20
CA LEU A 328 27.35 12.57 -28.73
C LEU A 328 27.80 12.05 -27.38
N THR A 329 29.09 11.76 -27.23
CA THR A 329 29.62 11.35 -25.93
C THR A 329 29.36 12.41 -24.87
N GLU A 330 29.28 13.68 -25.27
CA GLU A 330 28.97 14.74 -24.32
C GLU A 330 27.49 14.81 -24.00
N ARG A 331 26.61 14.51 -24.97
CA ARG A 331 25.18 14.56 -24.73
C ARG A 331 24.66 13.38 -23.93
N HIS A 332 25.51 12.38 -23.66
CA HIS A 332 25.11 11.20 -22.91
C HIS A 332 26.22 10.85 -21.91
N LYS A 333 26.51 11.77 -20.99
CA LYS A 333 27.69 11.60 -20.14
C LYS A 333 27.50 10.48 -19.12
N ILE A 334 26.30 10.37 -18.53
CA ILE A 334 26.04 9.28 -17.60
C ILE A 334 26.28 7.94 -18.28
N LEU A 335 25.59 7.72 -19.40
CA LEU A 335 25.70 6.45 -20.10
C LEU A 335 27.13 6.16 -20.51
N HIS A 336 27.88 7.20 -20.87
CA HIS A 336 29.30 7.02 -21.18
C HIS A 336 30.05 6.49 -19.98
N ARG A 337 29.86 7.12 -18.81
CA ARG A 337 30.53 6.65 -17.61
C ARG A 337 30.21 5.18 -17.33
N LEU A 338 28.94 4.82 -17.45
CA LEU A 338 28.51 3.45 -17.20
C LEU A 338 29.16 2.47 -18.16
N LEU A 339 29.51 2.93 -19.36
CA LEU A 339 30.12 2.08 -20.37
C LEU A 339 31.63 1.97 -20.22
N GLN A 340 32.26 2.83 -19.43
CA GLN A 340 33.71 2.79 -19.26
C GLN A 340 34.14 2.41 -17.85
N GLU A 341 33.20 2.02 -17.00
CA GLU A 341 33.53 1.61 -15.64
C GLU A 341 33.61 0.10 -15.54
N VAL B 22 -37.91 16.60 22.43
CA VAL B 22 -36.84 17.53 22.79
C VAL B 22 -37.26 18.43 23.96
N GLN B 23 -38.46 19.03 23.85
CA GLN B 23 -38.97 19.85 24.93
C GLN B 23 -39.20 19.04 26.21
N GLY B 24 -39.58 17.77 26.07
CA GLY B 24 -39.77 16.90 27.21
C GLY B 24 -38.55 16.86 28.11
N LEU B 25 -37.40 17.19 27.55
CA LEU B 25 -36.17 17.31 28.32
C LEU B 25 -36.08 18.70 28.94
N THR B 26 -35.58 18.75 30.17
CA THR B 26 -35.33 20.03 30.83
C THR B 26 -34.45 20.91 29.96
N GLU B 27 -34.66 22.23 30.05
CA GLU B 27 -33.76 23.12 29.34
C GLU B 27 -32.32 22.85 29.73
N GLU B 28 -32.08 22.44 30.99
CA GLU B 28 -30.74 22.05 31.38
C GLU B 28 -30.28 20.82 30.61
N GLN B 29 -31.17 19.82 30.51
CA GLN B 29 -30.84 18.61 29.76
C GLN B 29 -30.58 18.92 28.30
N ARG B 30 -31.44 19.74 27.69
CA ARG B 30 -31.23 20.17 26.30
C ARG B 30 -29.82 20.73 26.12
N MET B 31 -29.45 21.69 26.96
CA MET B 31 -28.13 22.31 26.85
C MET B 31 -27.03 21.29 27.08
N MET B 32 -27.30 20.26 27.89
CA MET B 32 -26.28 19.27 28.17
C MET B 32 -25.99 18.39 26.96
N ILE B 33 -27.04 17.92 26.29
CA ILE B 33 -26.86 17.21 25.02
C ILE B 33 -26.33 18.16 23.96
N ARG B 34 -26.65 19.45 24.09
CA ARG B 34 -26.19 20.42 23.11
C ARG B 34 -24.69 20.65 23.24
N GLU B 35 -24.17 20.66 24.47
CA GLU B 35 -22.74 20.84 24.66
C GLU B 35 -21.97 19.58 24.30
N LEU B 36 -22.51 18.41 24.66
CA LEU B 36 -21.82 17.16 24.39
C LEU B 36 -21.71 16.90 22.89
N MET B 37 -22.82 17.05 22.17
CA MET B 37 -22.80 16.91 20.71
C MET B 37 -21.86 17.92 20.08
N ASP B 38 -21.86 19.16 20.59
CA ASP B 38 -20.93 20.14 20.07
C ASP B 38 -19.48 19.67 20.25
N ALA B 39 -19.15 19.22 21.46
CA ALA B 39 -17.79 18.75 21.72
C ALA B 39 -17.43 17.56 20.86
N GLN B 40 -18.40 16.69 20.56
CA GLN B 40 -18.14 15.55 19.69
C GLN B 40 -17.77 16.01 18.29
N MET B 41 -18.54 16.96 17.74
CA MET B 41 -18.28 17.43 16.39
C MET B 41 -16.90 18.09 16.28
N LYS B 42 -16.55 18.91 17.27
CA LYS B 42 -15.31 19.67 17.20
C LYS B 42 -14.06 18.83 17.50
N THR B 43 -14.23 17.68 18.16
CA THR B 43 -13.09 16.91 18.64
C THR B 43 -12.99 15.51 18.06
N PHE B 44 -13.97 15.06 17.28
CA PHE B 44 -13.98 13.76 16.63
C PHE B 44 -13.78 13.94 15.13
N ASP B 45 -12.73 13.35 14.59
CA ASP B 45 -12.50 13.38 13.15
C ASP B 45 -13.08 12.10 12.55
N THR B 46 -14.28 12.22 12.00
CA THR B 46 -14.93 11.08 11.37
C THR B 46 -14.14 10.58 10.17
N THR B 47 -13.48 11.48 9.47
CA THR B 47 -12.75 11.20 8.25
C THR B 47 -11.28 10.88 8.50
N PHE B 48 -10.81 11.04 9.74
CA PHE B 48 -9.40 10.84 10.09
C PHE B 48 -8.49 11.64 9.17
N SER B 49 -9.01 12.76 8.65
CA SER B 49 -8.27 13.54 7.66
C SER B 49 -7.01 14.13 8.25
N HIS B 50 -7.03 14.47 9.54
CA HIS B 50 -5.85 14.98 10.21
C HIS B 50 -5.04 13.88 10.88
N PHE B 51 -5.36 12.62 10.58
CA PHE B 51 -4.54 11.48 11.01
C PHE B 51 -3.44 11.28 9.98
N LYS B 52 -2.25 11.80 10.29
CA LYS B 52 -1.12 11.78 9.37
C LYS B 52 0.14 11.42 10.14
N ASN B 53 1.21 11.14 9.39
CA ASN B 53 2.51 10.75 9.94
C ASN B 53 2.38 9.49 10.79
N PHE B 54 1.53 8.55 10.35
CA PHE B 54 1.37 7.30 11.07
C PHE B 54 2.26 6.24 10.44
N ARG B 55 2.87 5.42 11.29
CA ARG B 55 3.64 4.28 10.80
C ARG B 55 2.71 3.27 10.14
N LEU B 56 3.17 2.70 9.04
CA LEU B 56 2.49 1.62 8.36
C LEU B 56 3.37 0.37 8.40
N PRO B 57 2.78 -0.82 8.21
CA PRO B 57 3.61 -2.02 8.15
C PRO B 57 4.67 -1.90 7.06
N GLY B 58 5.89 -2.30 7.39
CA GLY B 58 7.00 -2.15 6.45
C GLY B 58 6.74 -2.90 5.17
N VAL B 59 7.13 -2.30 4.05
CA VAL B 59 6.94 -2.89 2.74
C VAL B 59 8.04 -3.94 2.48
N ARG B 75 11.73 -19.98 28.19
CA ARG B 75 10.64 -20.95 28.27
C ARG B 75 9.48 -20.37 29.06
N GLU B 76 9.77 -19.86 30.27
CA GLU B 76 8.77 -19.13 31.02
C GLU B 76 8.31 -17.91 30.24
N GLU B 77 9.26 -17.18 29.64
CA GLU B 77 8.90 -16.08 28.75
C GLU B 77 8.22 -16.59 27.48
N ALA B 78 8.56 -17.81 27.04
CA ALA B 78 7.90 -18.38 25.87
C ALA B 78 6.43 -18.64 26.12
N ALA B 79 6.06 -19.00 27.36
CA ALA B 79 4.64 -19.11 27.69
C ALA B 79 3.94 -17.76 27.55
N LYS B 80 4.63 -16.68 27.96
CA LYS B 80 4.09 -15.34 27.75
C LYS B 80 3.89 -15.04 26.27
N TRP B 81 4.83 -15.49 25.43
CA TRP B 81 4.69 -15.32 23.98
C TRP B 81 3.44 -16.02 23.46
N SER B 82 3.12 -17.18 24.03
CA SER B 82 1.96 -17.93 23.56
C SER B 82 0.66 -17.23 23.90
N GLN B 83 0.60 -16.56 25.05
CA GLN B 83 -0.59 -15.80 25.41
C GLN B 83 -0.81 -14.64 24.45
N VAL B 84 0.27 -13.92 24.10
CA VAL B 84 0.13 -12.76 23.22
C VAL B 84 -0.37 -13.17 21.84
N ARG B 85 0.07 -14.33 21.35
CA ARG B 85 -0.34 -14.79 20.03
C ARG B 85 -1.85 -15.06 19.94
N LYS B 86 -2.51 -15.35 21.06
CA LYS B 86 -3.96 -15.52 21.05
C LYS B 86 -4.68 -14.17 21.10
N ASP B 87 -4.11 -13.21 21.82
CA ASP B 87 -4.67 -11.86 21.86
C ASP B 87 -4.71 -11.26 20.46
N LEU B 88 -3.59 -11.35 19.73
CA LEU B 88 -3.47 -10.69 18.44
C LEU B 88 -4.28 -11.39 17.35
N CYS B 89 -4.49 -12.70 17.48
CA CYS B 89 -5.23 -13.43 16.46
C CYS B 89 -6.72 -13.12 16.50
N SER B 90 -7.23 -12.64 17.63
CA SER B 90 -8.64 -12.28 17.73
C SER B 90 -8.95 -11.02 16.93
N LEU B 91 -8.01 -10.09 16.87
CA LEU B 91 -8.21 -8.79 16.24
C LEU B 91 -7.40 -8.66 14.94
N LYS B 92 -7.27 -9.76 14.20
CA LYS B 92 -6.54 -9.70 12.94
C LYS B 92 -7.34 -8.93 11.91
N VAL B 93 -6.71 -7.93 11.30
CA VAL B 93 -7.38 -7.00 10.39
C VAL B 93 -6.47 -6.70 9.21
N SER B 94 -7.09 -6.33 8.09
CA SER B 94 -6.40 -5.80 6.93
C SER B 94 -6.65 -4.30 6.85
N LEU B 95 -5.63 -3.57 6.40
CA LEU B 95 -5.66 -2.12 6.36
C LEU B 95 -5.81 -1.67 4.93
N GLN B 96 -6.87 -0.92 4.66
CA GLN B 96 -7.13 -0.40 3.32
C GLN B 96 -7.01 1.13 3.39
N LEU B 97 -5.90 1.65 2.90
CA LEU B 97 -5.63 3.09 2.91
C LEU B 97 -6.03 3.66 1.55
N ARG B 98 -7.25 4.17 1.46
CA ARG B 98 -7.71 4.79 0.23
C ARG B 98 -7.06 6.17 0.05
N GLY B 99 -7.11 6.67 -1.18
CA GLY B 99 -6.43 7.89 -1.52
C GLY B 99 -7.32 8.84 -2.30
N GLU B 100 -7.05 10.13 -2.12
CA GLU B 100 -7.87 11.18 -2.74
C GLU B 100 -7.96 10.99 -4.25
N ASP B 101 -6.82 10.69 -4.89
CA ASP B 101 -6.81 10.43 -6.33
C ASP B 101 -7.74 9.30 -6.73
N GLY B 102 -8.04 8.39 -5.80
CA GLY B 102 -8.81 7.19 -6.10
C GLY B 102 -8.06 5.89 -5.87
N SER B 103 -6.75 5.96 -5.69
CA SER B 103 -5.96 4.77 -5.45
C SER B 103 -6.29 4.15 -4.10
N VAL B 104 -5.99 2.86 -3.97
CA VAL B 104 -6.27 2.13 -2.74
C VAL B 104 -5.12 1.17 -2.48
N TRP B 105 -4.33 1.46 -1.45
CA TRP B 105 -3.40 0.47 -0.93
C TRP B 105 -4.13 -0.49 0.01
N ASN B 106 -3.75 -1.76 -0.04
CA ASN B 106 -4.34 -2.77 0.82
C ASN B 106 -3.22 -3.64 1.37
N TYR B 107 -3.17 -3.76 2.69
CA TYR B 107 -2.18 -4.60 3.37
C TYR B 107 -2.88 -5.83 3.90
N LYS B 108 -2.42 -7.00 3.44
CA LYS B 108 -2.92 -8.27 3.94
C LYS B 108 -1.95 -8.79 4.99
N PRO B 109 -2.37 -8.91 6.26
CA PRO B 109 -1.41 -9.23 7.30
C PRO B 109 -0.78 -10.58 7.07
N PRO B 110 0.49 -10.74 7.46
CA PRO B 110 1.15 -12.04 7.31
C PRO B 110 0.51 -13.11 8.18
N ALA B 111 0.37 -14.31 7.63
CA ALA B 111 -0.12 -15.43 8.44
C ALA B 111 0.89 -15.75 9.54
N ASP B 112 0.39 -16.09 10.74
CA ASP B 112 1.29 -16.37 11.85
C ASP B 112 2.16 -17.58 11.51
N SER B 113 3.46 -17.45 11.77
CA SER B 113 4.37 -18.58 11.61
C SER B 113 5.33 -18.66 12.79
N GLY B 114 6.25 -17.70 12.87
CA GLY B 114 7.24 -17.65 13.95
C GLY B 114 7.05 -16.48 14.91
N GLY B 115 7.95 -15.51 14.86
CA GLY B 115 7.88 -14.36 15.76
C GLY B 115 7.98 -13.04 15.05
N LYS B 116 7.13 -12.09 15.47
CA LYS B 116 7.10 -10.70 15.04
C LYS B 116 6.34 -10.53 13.73
N GLU B 117 5.91 -11.61 13.08
CA GLU B 117 4.91 -11.45 12.03
C GLU B 117 3.65 -10.86 12.63
N ILE B 118 3.37 -11.21 13.90
CA ILE B 118 2.16 -10.78 14.59
C ILE B 118 2.20 -9.31 14.93
N PHE B 119 3.39 -8.79 15.27
CA PHE B 119 3.58 -7.39 15.68
C PHE B 119 3.73 -6.42 14.50
N SER B 120 3.27 -6.81 13.30
CA SER B 120 3.48 -6.03 12.08
C SER B 120 2.61 -4.78 12.05
N LEU B 121 1.34 -4.92 12.40
CA LEU B 121 0.40 -3.80 12.40
C LEU B 121 0.33 -3.09 13.75
N LEU B 122 1.10 -3.56 14.74
CA LEU B 122 1.05 -2.96 16.06
C LEU B 122 1.63 -1.55 16.10
N PRO B 123 2.79 -1.27 15.46
CA PRO B 123 3.26 0.13 15.45
C PRO B 123 2.24 1.08 14.87
N HIS B 124 1.49 0.63 13.87
CA HIS B 124 0.46 1.48 13.29
C HIS B 124 -0.71 1.68 14.27
N MET B 125 -1.22 0.58 14.83
CA MET B 125 -2.37 0.70 15.71
C MET B 125 -2.05 1.55 16.93
N ALA B 126 -0.79 1.56 17.36
CA ALA B 126 -0.39 2.45 18.45
C ALA B 126 -0.47 3.91 18.01
N ASP B 127 0.03 4.21 16.82
CA ASP B 127 -0.09 5.57 16.29
C ASP B 127 -1.56 5.98 16.18
N MET B 128 -2.43 5.07 15.77
CA MET B 128 -3.82 5.44 15.59
C MET B 128 -4.58 5.56 16.90
N SER B 129 -4.21 4.77 17.91
CA SER B 129 -4.86 4.92 19.20
C SER B 129 -4.48 6.23 19.87
N THR B 130 -3.25 6.69 19.65
CA THR B 130 -2.85 7.98 20.19
C THR B 130 -3.62 9.12 19.53
N TYR B 131 -3.77 9.07 18.19
CA TYR B 131 -4.61 10.06 17.52
C TYR B 131 -6.04 10.03 18.04
N MET B 132 -6.58 8.83 18.26
CA MET B 132 -7.92 8.73 18.84
C MET B 132 -7.96 9.33 20.24
N PHE B 133 -6.99 8.96 21.09
CA PHE B 133 -6.97 9.42 22.48
C PHE B 133 -6.87 10.93 22.55
N LYS B 134 -6.11 11.54 21.64
CA LYS B 134 -5.94 12.98 21.65
C LYS B 134 -7.24 13.71 21.39
N GLY B 135 -8.13 13.12 20.60
CA GLY B 135 -9.44 13.70 20.39
C GLY B 135 -10.38 13.46 21.56
N ILE B 136 -10.23 12.31 22.24
CA ILE B 136 -10.96 12.05 23.46
C ILE B 136 -10.55 13.04 24.55
N ILE B 137 -9.26 13.34 24.62
CA ILE B 137 -8.78 14.35 25.56
C ILE B 137 -9.40 15.70 25.26
N SER B 138 -9.53 16.02 23.97
CA SER B 138 -10.10 17.30 23.57
C SER B 138 -11.60 17.34 23.75
N PHE B 139 -12.29 16.20 23.56
CA PHE B 139 -13.71 16.09 23.87
C PHE B 139 -13.98 16.55 25.29
N ALA B 140 -13.30 15.93 26.25
CA ALA B 140 -13.48 16.27 27.66
C ALA B 140 -13.04 17.69 27.94
N LYS B 141 -11.94 18.13 27.33
CA LYS B 141 -11.39 19.46 27.55
C LYS B 141 -12.38 20.56 27.17
N VAL B 142 -13.35 20.25 26.31
CA VAL B 142 -14.34 21.22 25.89
C VAL B 142 -15.57 21.20 26.78
N ILE B 143 -15.83 20.06 27.42
CA ILE B 143 -17.02 19.93 28.26
C ILE B 143 -16.84 20.73 29.54
N SER B 144 -17.84 21.55 29.86
CA SER B 144 -17.74 22.40 31.04
C SER B 144 -17.58 21.59 32.32
N TYR B 145 -18.46 20.61 32.53
CA TYR B 145 -18.43 19.84 33.76
C TYR B 145 -17.09 19.14 33.97
N PHE B 146 -16.35 18.88 32.90
CA PHE B 146 -15.03 18.27 32.99
C PHE B 146 -13.95 19.33 33.14
N ARG B 147 -14.08 20.45 32.41
CA ARG B 147 -13.06 21.49 32.42
C ARG B 147 -12.87 22.10 33.81
N ASP B 148 -13.91 22.08 34.64
CA ASP B 148 -13.87 22.69 35.97
C ASP B 148 -13.36 21.76 37.06
N LEU B 149 -13.25 20.47 36.77
CA LEU B 149 -12.77 19.52 37.76
C LEU B 149 -11.29 19.78 38.08
N PRO B 150 -10.84 19.38 39.27
CA PRO B 150 -9.40 19.44 39.56
C PRO B 150 -8.60 18.72 38.48
N ILE B 151 -7.45 19.29 38.14
CA ILE B 151 -6.65 18.76 37.03
C ILE B 151 -6.23 17.32 37.30
N GLU B 152 -6.03 16.94 38.56
CA GLU B 152 -5.63 15.57 38.86
C GLU B 152 -6.78 14.58 38.69
N ASP B 153 -8.02 15.06 38.81
CA ASP B 153 -9.16 14.21 38.50
C ASP B 153 -9.50 14.23 37.02
N GLN B 154 -9.13 15.29 36.31
CA GLN B 154 -9.21 15.26 34.86
C GLN B 154 -8.22 14.26 34.27
N ILE B 155 -7.02 14.18 34.84
CA ILE B 155 -6.03 13.21 34.39
C ILE B 155 -6.50 11.80 34.72
N SER B 156 -7.04 11.60 35.92
CA SER B 156 -7.41 10.25 36.33
C SER B 156 -8.65 9.76 35.61
N LEU B 157 -9.64 10.63 35.41
CA LEU B 157 -10.85 10.23 34.71
C LEU B 157 -10.53 9.83 33.27
N LEU B 158 -9.75 10.66 32.58
CA LEU B 158 -9.36 10.32 31.21
C LEU B 158 -8.54 9.04 31.16
N LYS B 159 -7.73 8.77 32.18
CA LYS B 159 -6.96 7.53 32.19
C LYS B 159 -7.84 6.30 32.27
N GLY B 160 -8.99 6.41 32.93
CA GLY B 160 -9.85 5.24 33.10
C GLY B 160 -10.78 5.04 31.94
N ALA B 161 -11.07 6.11 31.20
CA ALA B 161 -12.09 6.06 30.16
C ALA B 161 -11.52 6.25 28.76
N ALA B 162 -10.20 6.26 28.61
CA ALA B 162 -9.63 6.51 27.28
C ALA B 162 -9.97 5.40 26.31
N PHE B 163 -9.80 4.16 26.75
CA PHE B 163 -10.18 3.02 25.91
C PHE B 163 -11.67 3.01 25.65
N GLU B 164 -12.46 3.16 26.72
CA GLU B 164 -13.91 3.04 26.59
C GLU B 164 -14.46 4.08 25.62
N LEU B 165 -14.01 5.32 25.75
CA LEU B 165 -14.47 6.35 24.82
C LEU B 165 -13.89 6.13 23.43
N CYS B 166 -12.68 5.56 23.34
CA CYS B 166 -12.14 5.19 22.05
C CYS B 166 -13.01 4.14 21.38
N GLN B 167 -13.24 3.03 22.07
CA GLN B 167 -14.05 1.95 21.49
C GLN B 167 -15.45 2.45 21.13
N LEU B 168 -16.04 3.31 21.96
CA LEU B 168 -17.36 3.87 21.66
C LEU B 168 -17.33 4.68 20.37
N ARG B 169 -16.27 5.45 20.16
CA ARG B 169 -16.13 6.18 18.90
C ARG B 169 -15.89 5.23 17.74
N PHE B 170 -15.01 4.24 17.91
CA PHE B 170 -14.81 3.25 16.86
C PHE B 170 -16.11 2.57 16.47
N ASN B 171 -17.02 2.38 17.43
CA ASN B 171 -18.27 1.73 17.09
C ASN B 171 -19.07 2.53 16.07
N THR B 172 -18.95 3.86 16.11
CA THR B 172 -19.71 4.69 15.18
C THR B 172 -19.21 4.57 13.75
N VAL B 173 -17.97 4.11 13.55
CA VAL B 173 -17.45 3.85 12.21
C VAL B 173 -17.43 2.36 11.90
N PHE B 174 -17.99 1.54 12.78
CA PHE B 174 -17.97 0.10 12.56
C PHE B 174 -19.09 -0.29 11.60
N ASN B 175 -18.76 -1.09 10.61
CA ASN B 175 -19.73 -1.64 9.65
C ASN B 175 -19.90 -3.12 9.98
N ALA B 176 -21.06 -3.46 10.56
CA ALA B 176 -21.27 -4.83 11.01
C ALA B 176 -21.35 -5.81 9.86
N GLU B 177 -21.83 -5.36 8.70
CA GLU B 177 -21.98 -6.26 7.56
C GLU B 177 -20.63 -6.60 6.95
N THR B 178 -19.78 -5.58 6.76
CA THR B 178 -18.45 -5.82 6.19
C THR B 178 -17.44 -6.25 7.24
N GLY B 179 -17.70 -6.00 8.51
CA GLY B 179 -16.69 -6.25 9.53
C GLY B 179 -15.53 -5.27 9.46
N THR B 180 -15.79 -4.04 9.01
CA THR B 180 -14.76 -3.02 8.82
C THR B 180 -15.07 -1.79 9.66
N TRP B 181 -14.06 -1.26 10.33
CA TRP B 181 -14.09 0.09 10.90
C TRP B 181 -13.64 1.05 9.79
N GLU B 182 -14.60 1.78 9.23
CA GLU B 182 -14.35 2.68 8.10
C GLU B 182 -13.94 4.05 8.65
N CYS B 183 -12.64 4.29 8.68
CA CYS B 183 -12.10 5.52 9.27
C CYS B 183 -11.65 6.50 8.18
N GLY B 184 -12.59 6.89 7.32
CA GLY B 184 -12.26 7.82 6.26
C GLY B 184 -11.34 7.21 5.23
N ARG B 185 -10.11 7.71 5.15
CA ARG B 185 -9.14 7.13 4.23
C ARG B 185 -8.85 5.68 4.62
N LEU B 186 -8.47 5.45 5.87
CA LEU B 186 -8.11 4.12 6.34
C LEU B 186 -9.35 3.30 6.67
N SER B 187 -9.30 2.01 6.34
CA SER B 187 -10.36 1.07 6.66
C SER B 187 -9.72 -0.19 7.21
N TYR B 188 -10.11 -0.60 8.41
CA TYR B 188 -9.58 -1.80 9.06
C TYR B 188 -10.66 -2.87 8.99
N CYS B 189 -10.39 -3.90 8.20
CA CYS B 189 -11.37 -4.94 7.89
C CYS B 189 -10.99 -6.23 8.60
N LEU B 190 -11.89 -6.76 9.41
CA LEU B 190 -11.63 -8.01 10.13
C LEU B 190 -11.31 -9.14 9.15
N GLU B 191 -10.20 -9.82 9.39
CA GLU B 191 -9.78 -10.93 8.53
C GLU B 191 -10.71 -12.12 8.73
N ASP B 192 -11.20 -12.68 7.62
CA ASP B 192 -12.07 -13.84 7.69
C ASP B 192 -11.35 -15.01 8.35
N THR B 193 -12.04 -15.69 9.27
CA THR B 193 -11.50 -16.82 10.00
C THR B 193 -12.20 -18.11 9.58
N ALA B 194 -11.65 -19.23 10.01
CA ALA B 194 -12.27 -20.52 9.74
C ALA B 194 -13.49 -20.75 10.61
N GLY B 195 -13.46 -20.27 11.85
CA GLY B 195 -14.62 -20.36 12.72
C GLY B 195 -15.78 -19.47 12.32
N GLY B 196 -15.57 -18.54 11.39
CA GLY B 196 -16.63 -17.70 10.86
C GLY B 196 -17.12 -16.66 11.86
N PHE B 197 -18.36 -16.21 11.65
CA PHE B 197 -19.00 -15.28 12.56
C PHE B 197 -19.11 -15.84 13.97
N GLN B 198 -19.10 -17.17 14.11
CA GLN B 198 -19.14 -17.77 15.44
C GLN B 198 -17.82 -17.55 16.19
N GLN B 199 -16.69 -17.75 15.51
CA GLN B 199 -15.39 -17.59 16.18
C GLN B 199 -15.15 -16.15 16.60
N LEU B 200 -15.69 -15.18 15.85
CA LEU B 200 -15.43 -13.77 16.16
C LEU B 200 -16.16 -13.34 17.43
N LEU B 201 -17.47 -13.57 17.49
CA LEU B 201 -18.25 -13.18 18.66
C LEU B 201 -17.74 -13.80 19.96
N LEU B 202 -16.79 -14.72 19.89
CA LEU B 202 -16.14 -15.19 21.12
C LEU B 202 -15.30 -14.11 21.75
N GLU B 203 -14.71 -13.24 20.94
CA GLU B 203 -13.92 -12.13 21.46
C GLU B 203 -14.84 -11.09 22.09
N PRO B 204 -14.68 -10.77 23.38
CA PRO B 204 -15.61 -9.81 24.00
C PRO B 204 -15.65 -8.47 23.30
N MET B 205 -14.51 -7.98 22.80
CA MET B 205 -14.51 -6.68 22.16
C MET B 205 -15.24 -6.71 20.83
N LEU B 206 -15.02 -7.76 20.03
CA LEU B 206 -15.73 -7.87 18.76
C LEU B 206 -17.22 -8.09 19.01
N LYS B 207 -17.56 -8.84 20.06
CA LYS B 207 -18.96 -8.99 20.42
C LYS B 207 -19.56 -7.67 20.86
N PHE B 208 -18.81 -6.87 21.64
CA PHE B 208 -19.31 -5.58 22.08
C PHE B 208 -19.66 -4.70 20.90
N HIS B 209 -18.78 -4.64 19.90
CA HIS B 209 -19.02 -3.80 18.74
C HIS B 209 -20.23 -4.27 17.94
N TYR B 210 -20.42 -5.59 17.84
CA TYR B 210 -21.57 -6.08 17.09
C TYR B 210 -22.87 -5.82 17.86
N MET B 211 -22.87 -6.05 19.17
CA MET B 211 -24.09 -5.80 19.94
C MET B 211 -24.43 -4.32 19.96
N LEU B 212 -23.43 -3.46 20.21
CA LEU B 212 -23.71 -2.03 20.34
C LEU B 212 -24.15 -1.44 19.01
N LYS B 213 -23.58 -1.92 17.92
CA LYS B 213 -24.03 -1.46 16.62
C LYS B 213 -25.48 -1.87 16.39
N LYS B 214 -25.84 -3.07 16.87
CA LYS B 214 -27.19 -3.57 16.65
C LYS B 214 -28.24 -2.65 17.26
N LEU B 215 -27.87 -1.97 18.35
CA LEU B 215 -28.80 -1.05 19.00
C LEU B 215 -29.14 0.16 18.15
N GLN B 216 -28.36 0.42 17.09
CA GLN B 216 -28.63 1.51 16.15
C GLN B 216 -28.80 2.84 16.90
N LEU B 217 -27.85 3.13 17.77
CA LEU B 217 -27.95 4.29 18.64
C LEU B 217 -27.84 5.59 17.86
N HIS B 218 -28.45 6.62 18.40
CA HIS B 218 -28.30 7.96 17.86
C HIS B 218 -26.95 8.54 18.29
N GLU B 219 -26.55 9.61 17.61
CA GLU B 219 -25.34 10.30 18.02
C GLU B 219 -25.45 10.82 19.44
N GLU B 220 -26.68 11.12 19.87
CA GLU B 220 -26.89 11.67 21.21
C GLU B 220 -26.63 10.62 22.28
N GLU B 221 -27.11 9.40 22.05
CA GLU B 221 -26.92 8.33 23.02
C GLU B 221 -25.47 7.87 23.08
N TYR B 222 -24.73 8.05 21.99
CA TYR B 222 -23.31 7.73 22.00
C TYR B 222 -22.53 8.76 22.82
N VAL B 223 -22.80 10.05 22.59
CA VAL B 223 -22.09 11.09 23.31
C VAL B 223 -22.46 11.06 24.79
N LEU B 224 -23.72 10.73 25.10
CA LEU B 224 -24.14 10.58 26.48
C LEU B 224 -23.51 9.36 27.12
N MET B 225 -23.39 8.27 26.35
CA MET B 225 -22.63 7.10 26.80
C MET B 225 -21.18 7.44 27.07
N GLN B 226 -20.58 8.24 26.17
CA GLN B 226 -19.18 8.62 26.30
C GLN B 226 -18.96 9.49 27.51
N ALA B 227 -20.00 10.20 27.94
CA ALA B 227 -19.91 11.07 29.10
C ALA B 227 -20.11 10.29 30.39
N ILE B 228 -21.00 9.30 30.37
CA ILE B 228 -21.19 8.43 31.54
C ILE B 228 -19.94 7.60 31.77
N SER B 229 -19.24 7.23 30.70
CA SER B 229 -17.98 6.53 30.87
C SER B 229 -16.90 7.48 31.37
N LEU B 230 -16.86 8.69 30.83
CA LEU B 230 -15.83 9.64 31.21
C LEU B 230 -15.94 10.01 32.68
N PHE B 231 -17.14 10.36 33.12
CA PHE B 231 -17.39 10.80 34.49
C PHE B 231 -17.65 9.64 35.43
N SER B 232 -16.86 8.59 35.34
CA SER B 232 -16.99 7.46 36.25
C SER B 232 -16.23 7.74 37.54
N PRO B 233 -16.91 7.84 38.69
CA PRO B 233 -16.24 8.33 39.90
C PRO B 233 -15.39 7.27 40.58
N ASP B 234 -15.56 6.01 40.24
CA ASP B 234 -14.81 4.91 40.83
C ASP B 234 -13.53 4.58 40.05
N ARG B 235 -13.06 5.49 39.19
CA ARG B 235 -11.80 5.23 38.51
C ARG B 235 -10.65 5.37 39.49
N PRO B 236 -9.59 4.57 39.32
CA PRO B 236 -8.38 4.78 40.12
C PRO B 236 -7.92 6.23 40.06
N GLY B 237 -7.75 6.83 41.23
CA GLY B 237 -7.12 8.12 41.37
C GLY B 237 -8.08 9.29 41.56
N VAL B 238 -9.35 9.13 41.19
CA VAL B 238 -10.28 10.24 41.31
C VAL B 238 -10.46 10.58 42.78
N LEU B 239 -10.31 11.87 43.10
CA LEU B 239 -10.47 12.33 44.48
C LEU B 239 -11.72 13.16 44.68
N GLN B 240 -12.44 13.50 43.62
CA GLN B 240 -13.72 14.19 43.76
C GLN B 240 -14.87 13.23 43.48
N HIS B 241 -14.94 12.14 44.23
CA HIS B 241 -15.96 11.12 43.99
C HIS B 241 -17.37 11.71 43.94
N ARG B 242 -17.69 12.60 44.87
CA ARG B 242 -19.05 13.15 44.93
C ARG B 242 -19.38 13.96 43.69
N VAL B 243 -18.52 14.91 43.33
CA VAL B 243 -18.79 15.78 42.18
C VAL B 243 -18.92 14.94 40.91
N VAL B 244 -18.03 13.96 40.75
CA VAL B 244 -18.05 13.13 39.55
C VAL B 244 -19.27 12.23 39.53
N ASP B 245 -19.62 11.62 40.67
CA ASP B 245 -20.79 10.77 40.72
C ASP B 245 -22.06 11.58 40.49
N GLN B 246 -22.15 12.78 41.07
CA GLN B 246 -23.30 13.62 40.83
C GLN B 246 -23.42 14.00 39.36
N LEU B 247 -22.29 14.27 38.71
CA LEU B 247 -22.29 14.55 37.27
C LEU B 247 -22.70 13.32 36.47
N GLN B 248 -22.12 12.16 36.78
CA GLN B 248 -22.45 10.94 36.06
C GLN B 248 -23.96 10.68 36.09
N GLU B 249 -24.59 10.85 37.26
CA GLU B 249 -26.01 10.58 37.39
C GLU B 249 -26.83 11.41 36.42
N GLN B 250 -26.57 12.73 36.37
CA GLN B 250 -27.36 13.60 35.49
C GLN B 250 -27.14 13.27 34.02
N PHE B 251 -25.97 12.73 33.66
CA PHE B 251 -25.77 12.26 32.30
C PHE B 251 -26.64 11.03 32.00
N ALA B 252 -26.79 10.14 32.97
CA ALA B 252 -27.64 8.98 32.75
C ALA B 252 -29.12 9.36 32.79
N ILE B 253 -29.48 10.33 33.62
CA ILE B 253 -30.85 10.81 33.65
C ILE B 253 -31.21 11.48 32.33
N THR B 254 -30.29 12.25 31.76
CA THR B 254 -30.50 12.83 30.45
C THR B 254 -30.58 11.76 29.37
N LEU B 255 -29.83 10.67 29.54
CA LEU B 255 -29.89 9.58 28.57
C LEU B 255 -31.23 8.86 28.65
N LYS B 256 -31.70 8.57 29.86
CA LYS B 256 -32.98 7.88 30.03
C LYS B 256 -34.12 8.72 29.47
N SER B 257 -34.03 10.04 29.64
CA SER B 257 -35.08 10.92 29.15
C SER B 257 -35.07 10.98 27.63
N TYR B 258 -33.91 11.28 27.04
CA TYR B 258 -33.80 11.35 25.59
C TYR B 258 -34.39 10.10 24.93
N ILE B 259 -34.10 8.93 25.50
CA ILE B 259 -34.65 7.69 24.97
C ILE B 259 -36.16 7.67 25.11
N GLU B 260 -36.67 8.24 26.22
CA GLU B 260 -38.11 8.28 26.43
C GLU B 260 -38.79 9.25 25.49
N CYS B 261 -38.14 10.38 25.19
CA CYS B 261 -38.73 11.45 24.39
C CYS B 261 -38.60 11.24 22.89
N ASN B 262 -37.58 10.52 22.43
CA ASN B 262 -37.29 10.42 21.01
C ASN B 262 -37.30 8.99 20.48
N ARG B 263 -37.71 8.00 21.27
CA ARG B 263 -37.67 6.59 20.84
C ARG B 263 -38.87 5.81 21.37
N PRO B 264 -39.98 5.80 20.63
CA PRO B 264 -41.19 5.10 21.08
C PRO B 264 -41.41 3.74 20.43
N GLN B 265 -40.47 3.25 19.63
CA GLN B 265 -40.64 2.01 18.88
C GLN B 265 -40.41 0.81 19.79
N PRO B 266 -41.10 -0.31 19.52
CA PRO B 266 -41.02 -1.45 20.43
C PRO B 266 -39.65 -2.13 20.45
N ALA B 267 -38.86 -2.00 19.39
CA ALA B 267 -37.53 -2.60 19.39
C ALA B 267 -36.60 -1.93 20.39
N HIS B 268 -36.93 -0.71 20.82
CA HIS B 268 -36.08 0.06 21.69
C HIS B 268 -36.51 -0.03 23.15
N ARG B 269 -37.41 -0.95 23.47
CA ARG B 269 -37.77 -1.20 24.86
C ARG B 269 -36.53 -1.62 25.65
N PHE B 270 -36.38 -1.04 26.84
CA PHE B 270 -35.23 -1.27 27.72
C PHE B 270 -33.93 -0.85 27.06
N LEU B 271 -34.00 0.11 26.13
CA LEU B 271 -32.79 0.58 25.45
C LEU B 271 -31.82 1.21 26.44
N PHE B 272 -32.33 2.04 27.35
CA PHE B 272 -31.48 2.65 28.36
C PHE B 272 -30.75 1.58 29.17
N LEU B 273 -31.50 0.67 29.80
CA LEU B 273 -30.88 -0.37 30.60
C LEU B 273 -29.98 -1.28 29.76
N LYS B 274 -30.30 -1.44 28.48
CA LYS B 274 -29.39 -2.12 27.57
C LYS B 274 -28.10 -1.33 27.41
N ILE B 275 -28.22 -0.03 27.17
CA ILE B 275 -27.04 0.83 27.06
C ILE B 275 -26.22 0.76 28.33
N MET B 276 -26.88 0.92 29.48
CA MET B 276 -26.16 0.91 30.75
C MET B 276 -25.48 -0.43 30.99
N ALA B 277 -26.11 -1.52 30.57
CA ALA B 277 -25.48 -2.83 30.66
C ALA B 277 -24.21 -2.88 29.82
N MET B 278 -24.30 -2.39 28.57
CA MET B 278 -23.15 -2.37 27.68
C MET B 278 -22.00 -1.56 28.26
N LEU B 279 -22.29 -0.40 28.85
CA LEU B 279 -21.24 0.39 29.47
C LEU B 279 -20.53 -0.40 30.56
N THR B 280 -21.30 -1.13 31.38
CA THR B 280 -20.69 -1.99 32.37
C THR B 280 -19.82 -3.05 31.72
N GLU B 281 -20.26 -3.59 30.58
CA GLU B 281 -19.47 -4.59 29.89
C GLU B 281 -18.20 -3.98 29.31
N LEU B 282 -18.30 -2.76 28.78
CA LEU B 282 -17.13 -2.09 28.24
C LEU B 282 -16.08 -1.85 29.30
N ARG B 283 -16.52 -1.57 30.54
CA ARG B 283 -15.58 -1.47 31.66
C ARG B 283 -14.88 -2.82 31.88
N SER B 284 -15.62 -3.91 31.75
CA SER B 284 -15.02 -5.24 31.85
C SER B 284 -13.99 -5.43 30.76
N ILE B 285 -14.35 -5.10 29.51
CA ILE B 285 -13.45 -5.26 28.38
C ILE B 285 -12.25 -4.31 28.50
N ASN B 286 -12.50 -3.07 28.93
CA ASN B 286 -11.39 -2.14 29.18
C ASN B 286 -10.34 -2.80 30.07
N ALA B 287 -10.78 -3.51 31.10
CA ALA B 287 -9.85 -4.18 32.00
C ALA B 287 -9.12 -5.31 31.29
N GLN B 288 -9.85 -6.15 30.53
CA GLN B 288 -9.22 -7.24 29.81
C GLN B 288 -8.10 -6.73 28.92
N HIS B 289 -8.35 -5.66 28.17
CA HIS B 289 -7.39 -5.17 27.20
C HIS B 289 -6.36 -4.19 27.78
N THR B 290 -6.54 -3.76 29.02
CA THR B 290 -5.41 -3.13 29.70
C THR B 290 -4.37 -4.17 30.08
N GLN B 291 -4.77 -5.45 30.17
CA GLN B 291 -3.83 -6.52 30.49
C GLN B 291 -3.15 -7.06 29.24
N ARG B 292 -3.94 -7.28 28.19
CA ARG B 292 -3.36 -7.67 26.91
C ARG B 292 -2.33 -6.67 26.43
N TRP B 293 -2.61 -5.38 26.59
CA TRP B 293 -1.71 -4.33 26.13
C TRP B 293 -0.40 -4.34 26.91
N LEU B 294 -0.49 -4.37 28.24
CA LEU B 294 0.71 -4.38 29.05
C LEU B 294 1.58 -5.60 28.73
N ARG B 295 0.95 -6.75 28.48
CA ARG B 295 1.72 -7.96 28.17
C ARG B 295 2.50 -7.79 26.88
N ILE B 296 1.87 -7.19 25.86
CA ILE B 296 2.56 -6.97 24.60
C ILE B 296 3.70 -5.99 24.79
N GLN B 297 3.48 -4.92 25.55
CA GLN B 297 4.54 -3.95 25.79
C GLN B 297 5.70 -4.59 26.52
N ASP B 298 5.39 -5.54 27.40
CA ASP B 298 6.46 -6.28 28.06
C ASP B 298 7.26 -7.10 27.06
N ILE B 299 6.57 -7.84 26.20
CA ILE B 299 7.26 -8.68 25.21
C ILE B 299 7.92 -7.81 24.15
N HIS B 300 7.15 -6.95 23.49
CA HIS B 300 7.65 -6.11 22.40
C HIS B 300 7.19 -4.67 22.61
N PRO B 301 8.06 -3.80 23.11
CA PRO B 301 7.65 -2.40 23.34
C PRO B 301 7.26 -1.71 22.05
N PHE B 302 6.10 -1.06 22.06
CA PHE B 302 5.53 -0.43 20.88
C PHE B 302 4.79 0.85 21.20
N ALA B 303 4.60 1.18 22.48
CA ALA B 303 3.72 2.27 22.86
C ALA B 303 4.32 3.63 22.53
N THR B 304 3.47 4.53 22.06
CA THR B 304 3.86 5.91 21.90
C THR B 304 4.10 6.54 23.27
N PRO B 305 4.71 7.73 23.32
CA PRO B 305 4.92 8.37 24.64
C PRO B 305 3.64 8.60 25.41
N LEU B 306 2.58 9.08 24.75
CA LEU B 306 1.33 9.33 25.46
C LEU B 306 0.67 8.03 25.90
N MET B 307 0.76 6.98 25.07
CA MET B 307 0.16 5.71 25.44
C MET B 307 0.87 5.07 26.63
N GLN B 308 2.17 5.35 26.78
CA GLN B 308 2.87 4.90 27.98
C GLN B 308 2.36 5.58 29.24
N GLU B 309 1.81 6.79 29.11
CA GLU B 309 1.29 7.50 30.27
C GLU B 309 -0.08 6.96 30.67
N LEU B 310 -0.93 6.63 29.70
CA LEU B 310 -2.18 5.93 30.03
C LEU B 310 -1.89 4.67 30.81
N PHE B 311 -0.80 4.00 30.49
CA PHE B 311 -0.44 2.72 31.08
C PHE B 311 0.74 2.93 32.03
N GLY B 312 0.43 3.30 33.26
CA GLY B 312 1.45 3.47 34.29
C GLY B 312 0.89 3.37 35.69
N SER B 327 3.71 11.95 41.46
CA SER B 327 2.71 12.99 41.23
C SER B 327 2.01 12.76 39.89
N LEU B 328 0.68 12.83 39.90
CA LEU B 328 -0.09 12.57 38.68
C LEU B 328 0.37 13.48 37.54
N THR B 329 0.33 14.79 37.78
CA THR B 329 0.75 15.75 36.77
C THR B 329 2.18 15.47 36.29
N GLU B 330 3.05 15.05 37.21
CA GLU B 330 4.46 14.84 36.88
C GLU B 330 4.64 13.58 36.04
N ARG B 331 4.02 12.48 36.47
CA ARG B 331 4.14 11.24 35.72
C ARG B 331 3.43 11.33 34.37
N HIS B 332 2.34 12.09 34.32
CA HIS B 332 1.55 12.29 33.11
C HIS B 332 1.81 13.70 32.58
N LYS B 333 3.01 13.89 32.03
CA LYS B 333 3.43 15.22 31.60
C LYS B 333 2.79 15.62 30.29
N ILE B 334 2.72 14.70 29.32
CA ILE B 334 2.12 15.01 28.03
C ILE B 334 0.62 15.25 28.19
N LEU B 335 -0.03 14.41 28.99
CA LEU B 335 -1.46 14.58 29.24
C LEU B 335 -1.74 15.93 29.88
N HIS B 336 -1.02 16.25 30.96
CA HIS B 336 -1.18 17.53 31.61
C HIS B 336 -1.03 18.68 30.61
N ARG B 337 -0.04 18.59 29.73
CA ARG B 337 0.17 19.63 28.75
C ARG B 337 -1.06 19.81 27.86
N LEU B 338 -1.55 18.70 27.28
CA LEU B 338 -2.66 18.78 26.34
C LEU B 338 -3.93 19.29 27.00
N LEU B 339 -4.18 18.89 28.25
CA LEU B 339 -5.32 19.43 28.98
C LEU B 339 -5.23 20.95 29.08
N GLN B 340 -4.04 21.47 29.34
CA GLN B 340 -3.88 22.92 29.49
C GLN B 340 -4.00 23.64 28.15
N GLU B 341 -3.66 22.98 27.04
CA GLU B 341 -3.72 23.64 25.75
C GLU B 341 -5.17 23.94 25.36
N GLY B 342 -5.32 24.87 24.42
CA GLY B 342 -6.64 25.23 23.94
C GLY B 342 -7.12 24.32 22.83
N SER B 343 -8.38 24.52 22.45
CA SER B 343 -8.99 23.72 21.40
C SER B 343 -9.71 24.63 20.39
#